data_8QZH
#
_entry.id   8QZH
#
_cell.length_a   46.169
_cell.length_b   46.169
_cell.length_c   181.660
_cell.angle_alpha   90.000
_cell.angle_beta   90.000
_cell.angle_gamma   120.000
#
_symmetry.space_group_name_H-M   'P 61'
#
loop_
_entity.id
_entity.type
_entity.pdbx_description
1 polymer "4'-phosphopantetheinyl transferase PptT"
2 non-polymer 'ACETATE ION'
3 non-polymer 'MAGNESIUM ION'
4 water water
#
_entity_poly.entity_id   1
_entity_poly.type   'polypeptide(L)'
_entity_poly.pdbx_seq_one_letter_code
;MGSSHHHHHHSSGLVPRGSHMTVGTLVASVLPATVFEDLAYAELYSDPPGLTPLPEEAPLIARSVAKRRNEFITVRHCAR
IALDQLGVPPAPILKGDKGEPCWPDGMVGSLTHCAGYRGAVVGRRDAVRSVGIDAEPHDVLPNGVLDAISLPAERADMPR
TMPAALHWDRILFCAKEATYKAWFPLTKRWLGFEDAHITFETDSTGWTGRFVSRILIDGSTLSGPPLTTLRGRWSVERGL
VLTAIVL
;
_entity_poly.pdbx_strand_id   A
#
# COMPACT_ATOMS: atom_id res chain seq x y z
N SER A 12 -11.64 12.15 -5.36
CA SER A 12 -10.88 11.96 -4.17
C SER A 12 -10.64 13.31 -3.47
N GLY A 13 -9.57 14.03 -3.69
CA GLY A 13 -9.32 15.19 -2.94
C GLY A 13 -8.61 14.78 -1.65
N LEU A 14 -7.35 15.16 -1.54
CA LEU A 14 -6.63 15.05 -0.32
C LEU A 14 -7.05 16.23 0.56
N VAL A 15 -6.67 16.20 1.81
CA VAL A 15 -6.84 17.36 2.69
C VAL A 15 -5.77 18.38 2.30
N PRO A 16 -5.98 19.68 2.55
CA PRO A 16 -4.88 20.64 2.34
C PRO A 16 -3.63 20.18 3.06
N ARG A 17 -2.49 20.32 2.40
N ARG A 17 -2.49 20.32 2.40
CA ARG A 17 -1.26 19.72 2.90
CA ARG A 17 -1.26 19.72 2.90
C ARG A 17 -0.95 20.20 4.30
C ARG A 17 -0.95 20.20 4.30
N GLY A 18 -0.70 19.26 5.21
CA GLY A 18 -0.36 19.56 6.58
C GLY A 18 -1.54 19.77 7.49
N SER A 19 -2.71 20.04 6.94
CA SER A 19 -3.86 20.37 7.78
C SER A 19 -4.30 19.16 8.60
N HIS A 20 -5.08 19.44 9.65
CA HIS A 20 -5.57 18.42 10.55
C HIS A 20 -4.42 17.57 11.12
N MET A 21 -3.31 18.24 11.42
CA MET A 21 -2.17 17.64 12.11
C MET A 21 -1.59 16.47 11.33
N THR A 22 -1.53 16.61 10.01
CA THR A 22 -0.93 15.61 9.13
C THR A 22 0.46 15.99 8.67
N VAL A 23 1.02 17.11 9.17
CA VAL A 23 2.33 17.54 8.73
C VAL A 23 3.36 16.47 9.09
N GLY A 24 4.13 16.04 8.09
CA GLY A 24 5.12 15.00 8.27
C GLY A 24 4.64 13.59 8.01
N THR A 25 3.32 13.38 7.90
CA THR A 25 2.75 12.05 7.72
C THR A 25 2.70 11.74 6.22
N LEU A 26 3.61 10.88 5.76
CA LEU A 26 3.69 10.58 4.33
C LEU A 26 2.39 9.96 3.83
N VAL A 27 1.86 8.98 4.58
CA VAL A 27 0.68 8.25 4.10
C VAL A 27 -0.53 9.16 3.95
N ALA A 28 -0.53 10.32 4.63
CA ALA A 28 -1.65 11.23 4.52
C ALA A 28 -1.77 11.82 3.11
N SER A 29 -0.69 11.86 2.34
CA SER A 29 -0.76 12.44 1.01
C SER A 29 -1.20 11.44 -0.06
N VAL A 30 -1.59 10.23 0.33
CA VAL A 30 -2.23 9.28 -0.58
C VAL A 30 -3.59 8.83 -0.10
N LEU A 31 -4.08 9.37 1.01
CA LEU A 31 -5.39 9.01 1.53
C LEU A 31 -6.37 10.14 1.23
N PRO A 32 -7.41 9.85 0.47
CA PRO A 32 -8.31 10.96 0.21
C PRO A 32 -9.01 11.43 1.47
N ALA A 33 -9.40 12.67 1.51
CA ALA A 33 -10.11 13.21 2.66
C ALA A 33 -11.35 12.39 3.17
N THR A 34 -12.09 11.76 2.27
CA THR A 34 -13.21 10.97 2.64
C THR A 34 -12.95 9.65 3.33
N VAL A 35 -11.71 9.17 3.33
CA VAL A 35 -11.41 7.88 3.95
C VAL A 35 -10.88 8.02 5.38
N PHE A 36 -10.54 9.23 5.82
CA PHE A 36 -9.93 9.37 7.14
C PHE A 36 -10.86 8.92 8.25
N GLU A 37 -12.14 9.07 8.08
CA GLU A 37 -13.04 8.68 9.12
C GLU A 37 -13.19 7.18 9.29
N ASP A 38 -12.72 6.42 8.34
CA ASP A 38 -12.81 4.98 8.40
C ASP A 38 -11.49 4.28 8.68
N LEU A 39 -10.36 4.93 8.41
CA LEU A 39 -9.07 4.28 8.42
C LEU A 39 -8.21 4.79 9.57
N ALA A 40 -7.47 3.88 10.17
CA ALA A 40 -6.38 4.21 11.09
C ALA A 40 -5.06 3.87 10.41
N TYR A 41 -4.01 4.56 10.82
CA TYR A 41 -2.71 4.37 10.19
C TYR A 41 -1.59 4.63 11.18
N ALA A 42 -0.42 4.07 10.88
CA ALA A 42 0.78 4.29 11.67
C ALA A 42 1.97 4.03 10.77
N GLU A 43 3.00 4.86 10.90
CA GLU A 43 4.18 4.72 10.06
C GLU A 43 5.42 5.12 10.85
N LEU A 44 6.55 4.51 10.47
CA LEU A 44 7.84 4.75 11.07
C LEU A 44 8.88 4.76 9.98
N TYR A 45 10.00 5.41 10.24
CA TYR A 45 11.09 5.54 9.27
C TYR A 45 12.33 4.78 9.72
N SER A 46 12.22 3.97 10.75
CA SER A 46 13.34 3.26 11.33
C SER A 46 12.78 2.06 12.10
N ASP A 47 13.67 1.30 12.73
CA ASP A 47 13.28 0.17 13.56
C ASP A 47 13.55 0.52 15.01
N PRO A 48 12.58 1.05 15.74
CA PRO A 48 12.82 1.45 17.14
C PRO A 48 13.40 0.30 17.93
N PRO A 49 14.45 0.56 18.70
CA PRO A 49 15.02 -0.51 19.53
C PRO A 49 14.08 -0.86 20.68
N GLY A 50 13.97 -2.16 20.95
CA GLY A 50 13.14 -2.65 22.03
C GLY A 50 11.83 -3.27 21.59
N LEU A 51 11.49 -3.18 20.31
CA LEU A 51 10.26 -3.80 19.83
C LEU A 51 10.45 -5.31 19.69
N THR A 52 9.38 -6.04 19.92
CA THR A 52 9.40 -7.50 19.88
C THR A 52 8.19 -8.01 19.10
N PRO A 53 8.28 -9.20 18.54
CA PRO A 53 7.07 -9.86 18.02
C PRO A 53 6.25 -10.42 19.17
N LEU A 54 4.96 -10.57 18.90
CA LEU A 54 4.13 -11.33 19.82
C LEU A 54 4.52 -12.80 19.76
N PRO A 55 4.34 -13.55 20.84
CA PRO A 55 4.74 -14.98 20.80
C PRO A 55 4.17 -15.74 19.62
N GLU A 56 2.89 -15.53 19.29
CA GLU A 56 2.30 -16.27 18.17
C GLU A 56 2.88 -15.87 16.82
N GLU A 57 3.49 -14.67 16.71
CA GLU A 57 4.13 -14.26 15.47
C GLU A 57 5.57 -14.75 15.34
N ALA A 58 6.22 -15.04 16.46
CA ALA A 58 7.65 -15.32 16.45
C ALA A 58 8.07 -16.44 15.51
N PRO A 59 7.32 -17.53 15.36
CA PRO A 59 7.78 -18.62 14.47
C PRO A 59 7.97 -18.19 13.02
N LEU A 60 7.24 -17.17 12.59
CA LEU A 60 7.31 -16.74 11.19
C LEU A 60 8.70 -16.24 10.82
N ILE A 61 9.46 -15.73 11.79
CA ILE A 61 10.76 -15.13 11.50
C ILE A 61 11.89 -15.85 12.25
N ALA A 62 11.63 -17.05 12.76
CA ALA A 62 12.59 -17.72 13.63
C ALA A 62 13.95 -17.89 12.95
N ARG A 63 13.98 -18.10 11.64
CA ARG A 63 15.22 -18.38 10.93
C ARG A 63 15.62 -17.26 9.98
N SER A 64 15.13 -16.05 10.20
CA SER A 64 15.42 -14.91 9.35
C SER A 64 16.53 -14.05 9.96
N VAL A 65 17.22 -13.32 9.08
CA VAL A 65 18.29 -12.43 9.54
C VAL A 65 17.69 -11.25 10.30
N ALA A 66 18.54 -10.58 11.07
CA ALA A 66 18.05 -9.51 11.95
C ALA A 66 17.32 -8.43 11.15
N LYS A 67 17.81 -8.10 9.96
CA LYS A 67 17.19 -7.04 9.17
C LYS A 67 15.77 -7.43 8.76
N ARG A 68 15.57 -8.71 8.38
CA ARG A 68 14.22 -9.15 8.05
C ARG A 68 13.34 -9.24 9.29
N ARG A 69 13.91 -9.60 10.44
CA ARG A 69 13.13 -9.59 11.68
C ARG A 69 12.67 -8.18 12.00
N ASN A 70 13.55 -7.20 11.84
CA ASN A 70 13.24 -5.82 12.20
C ASN A 70 12.10 -5.27 11.35
N GLU A 71 12.14 -5.52 10.04
CA GLU A 71 11.02 -5.14 9.17
C GLU A 71 9.73 -5.76 9.67
N PHE A 72 9.73 -7.07 9.87
CA PHE A 72 8.53 -7.79 10.30
C PHE A 72 8.01 -7.25 11.62
N ILE A 73 8.90 -7.07 12.60
CA ILE A 73 8.48 -6.63 13.92
C ILE A 73 7.95 -5.20 13.86
N THR A 74 8.69 -4.30 13.21
CA THR A 74 8.31 -2.90 13.21
C THR A 74 6.97 -2.69 12.51
N VAL A 75 6.80 -3.25 11.32
CA VAL A 75 5.58 -2.98 10.56
C VAL A 75 4.37 -3.56 11.28
N ARG A 76 4.54 -4.65 12.02
CA ARG A 76 3.44 -5.20 12.79
C ARG A 76 3.20 -4.42 14.08
N HIS A 77 4.24 -3.79 14.61
CA HIS A 77 4.02 -2.80 15.67
C HIS A 77 3.16 -1.67 15.14
N CYS A 78 3.43 -1.20 13.92
CA CYS A 78 2.59 -0.16 13.31
C CYS A 78 1.16 -0.66 13.18
N ALA A 79 0.98 -1.88 12.69
CA ALA A 79 -0.37 -2.41 12.50
C ALA A 79 -1.14 -2.44 13.82
N ARG A 80 -0.45 -2.72 14.92
CA ARG A 80 -1.12 -2.77 16.22
C ARG A 80 -1.41 -1.38 16.76
N ILE A 81 -0.58 -0.38 16.43
CA ILE A 81 -0.92 1.00 16.78
C ILE A 81 -2.19 1.41 16.06
N ALA A 82 -2.25 1.16 14.74
CA ALA A 82 -3.45 1.50 13.98
C ALA A 82 -4.67 0.76 14.53
N LEU A 83 -4.53 -0.53 14.82
CA LEU A 83 -5.64 -1.29 15.39
C LEU A 83 -6.07 -0.71 16.73
N ASP A 84 -5.10 -0.26 17.54
CA ASP A 84 -5.44 0.34 18.82
C ASP A 84 -6.32 1.57 18.63
N GLN A 85 -6.03 2.40 17.62
CA GLN A 85 -6.83 3.59 17.39
C GLN A 85 -8.28 3.27 17.08
N LEU A 86 -8.57 2.07 16.58
CA LEU A 86 -9.94 1.67 16.30
C LEU A 86 -10.58 0.89 17.45
N GLY A 87 -9.93 0.85 18.61
CA GLY A 87 -10.46 0.11 19.73
C GLY A 87 -10.28 -1.39 19.66
N VAL A 88 -9.32 -1.87 18.90
CA VAL A 88 -9.07 -3.30 18.73
C VAL A 88 -7.89 -3.69 19.62
N PRO A 89 -8.03 -4.71 20.46
CA PRO A 89 -6.92 -5.07 21.35
C PRO A 89 -5.77 -5.70 20.59
N PRO A 90 -4.56 -5.65 21.13
CA PRO A 90 -3.41 -6.27 20.44
C PRO A 90 -3.74 -7.69 20.02
N ALA A 91 -3.35 -8.02 18.79
CA ALA A 91 -3.53 -9.33 18.20
C ALA A 91 -2.32 -9.64 17.34
N PRO A 92 -1.94 -10.91 17.21
CA PRO A 92 -0.88 -11.24 16.27
C PRO A 92 -1.38 -11.11 14.84
N ILE A 93 -0.51 -10.62 13.97
CA ILE A 93 -0.84 -10.51 12.56
C ILE A 93 -0.08 -11.59 11.82
N LEU A 94 -0.71 -12.76 11.64
CA LEU A 94 -0.07 -13.88 10.99
C LEU A 94 -0.18 -13.72 9.47
N LYS A 95 0.36 -14.64 8.72
CA LYS A 95 0.28 -14.59 7.32
C LYS A 95 -0.56 -15.69 6.82
N GLY A 96 -1.45 -15.50 5.79
CA GLY A 96 -2.26 -16.49 5.12
C GLY A 96 -1.44 -17.27 4.10
N ASP A 97 -2.13 -18.14 3.35
CA ASP A 97 -1.39 -19.14 2.57
C ASP A 97 -0.68 -18.55 1.36
N LYS A 98 -1.06 -17.38 0.87
CA LYS A 98 -0.26 -16.69 -0.14
C LYS A 98 0.32 -15.39 0.39
N GLY A 99 0.67 -15.37 1.67
CA GLY A 99 1.50 -14.33 2.24
C GLY A 99 0.76 -13.13 2.77
N GLU A 100 -0.55 -13.10 2.66
CA GLU A 100 -1.31 -11.91 3.03
C GLU A 100 -1.44 -11.82 4.55
N PRO A 101 -1.49 -10.62 5.09
CA PRO A 101 -1.68 -10.48 6.54
C PRO A 101 -3.06 -10.96 6.97
N CYS A 102 -3.08 -11.73 8.06
CA CYS A 102 -4.32 -12.22 8.65
C CYS A 102 -4.75 -11.24 9.75
N TRP A 103 -5.85 -10.52 9.50
CA TRP A 103 -6.28 -9.46 10.39
C TRP A 103 -7.29 -9.96 11.41
N PRO A 104 -7.47 -9.24 12.51
CA PRO A 104 -8.49 -9.62 13.49
C PRO A 104 -9.87 -9.66 12.86
N ASP A 105 -10.82 -10.23 13.59
CA ASP A 105 -12.16 -10.37 13.09
C ASP A 105 -12.73 -9.01 12.76
N GLY A 106 -13.36 -8.88 11.59
CA GLY A 106 -14.00 -7.68 11.15
C GLY A 106 -13.14 -6.55 10.62
N MET A 107 -11.88 -6.80 10.46
CA MET A 107 -10.92 -5.77 10.05
C MET A 107 -10.31 -6.11 8.70
N VAL A 108 -9.92 -5.05 7.98
CA VAL A 108 -9.14 -5.16 6.76
C VAL A 108 -7.91 -4.28 6.95
N GLY A 109 -6.89 -4.50 6.12
CA GLY A 109 -5.73 -3.63 6.20
C GLY A 109 -4.65 -4.04 5.22
N SER A 110 -3.61 -3.21 5.18
CA SER A 110 -2.45 -3.45 4.33
C SER A 110 -1.19 -3.05 5.09
N LEU A 111 -0.10 -3.76 4.79
CA LEU A 111 1.19 -3.51 5.39
C LEU A 111 2.19 -3.26 4.28
N THR A 112 3.21 -2.44 4.57
CA THR A 112 4.30 -2.27 3.62
C THR A 112 5.55 -1.83 4.38
N HIS A 113 6.68 -2.13 3.81
CA HIS A 113 7.96 -1.70 4.32
C HIS A 113 9.00 -1.68 3.18
N CYS A 114 9.95 -0.81 3.28
CA CYS A 114 11.04 -0.68 2.36
C CYS A 114 12.18 0.07 3.11
N ALA A 115 13.28 0.32 2.44
CA ALA A 115 14.36 1.10 3.03
C ALA A 115 13.81 2.42 3.58
N GLY A 116 13.84 2.57 4.89
CA GLY A 116 13.45 3.82 5.51
C GLY A 116 11.97 4.04 5.70
N TYR A 117 11.15 3.00 5.58
CA TYR A 117 9.72 3.17 5.80
C TYR A 117 9.08 1.87 6.27
N ARG A 118 8.21 1.99 7.27
CA ARG A 118 7.32 0.93 7.72
C ARG A 118 5.95 1.57 7.93
N GLY A 119 4.90 0.93 7.43
CA GLY A 119 3.58 1.55 7.50
C GLY A 119 2.45 0.54 7.46
N ALA A 120 1.37 0.89 8.16
CA ALA A 120 0.16 0.06 8.23
C ALA A 120 -1.07 0.95 8.16
N VAL A 121 -2.07 0.50 7.41
CA VAL A 121 -3.37 1.17 7.32
C VAL A 121 -4.44 0.12 7.54
N VAL A 122 -5.37 0.39 8.45
CA VAL A 122 -6.39 -0.59 8.81
C VAL A 122 -7.76 0.06 8.88
N GLY A 123 -8.79 -0.75 8.67
CA GLY A 123 -10.16 -0.30 8.76
C GLY A 123 -11.09 -1.46 9.08
N ARG A 124 -12.35 -1.11 9.31
CA ARG A 124 -13.39 -2.10 9.56
C ARG A 124 -14.00 -2.54 8.24
N ARG A 125 -14.18 -3.86 8.08
CA ARG A 125 -14.81 -4.41 6.88
C ARG A 125 -16.19 -3.81 6.64
N ASP A 126 -16.88 -3.44 7.71
CA ASP A 126 -18.20 -2.82 7.59
C ASP A 126 -18.14 -1.55 6.74
N ALA A 127 -17.08 -0.76 6.89
CA ALA A 127 -16.96 0.52 6.22
C ALA A 127 -15.97 0.53 5.08
N VAL A 128 -15.05 -0.42 5.04
CA VAL A 128 -13.95 -0.45 4.08
C VAL A 128 -13.92 -1.83 3.45
N ARG A 129 -14.06 -1.88 2.11
CA ARG A 129 -14.08 -3.17 1.43
C ARG A 129 -12.70 -3.81 1.44
N SER A 130 -11.67 -3.03 1.10
CA SER A 130 -10.31 -3.53 1.04
C SER A 130 -9.37 -2.35 1.05
N VAL A 131 -8.12 -2.60 1.43
CA VAL A 131 -7.07 -1.59 1.42
C VAL A 131 -5.80 -2.20 0.88
N GLY A 132 -5.07 -1.42 0.08
CA GLY A 132 -3.73 -1.81 -0.37
C GLY A 132 -2.78 -0.64 -0.35
N ILE A 133 -1.61 -0.79 0.29
CA ILE A 133 -0.60 0.25 0.28
C ILE A 133 0.76 -0.37 -0.05
N ASP A 134 1.63 0.46 -0.61
CA ASP A 134 2.98 0.05 -0.89
C ASP A 134 3.93 1.25 -0.83
N ALA A 135 5.14 1.03 -0.40
CA ALA A 135 6.15 2.07 -0.36
C ALA A 135 7.47 1.57 -0.95
N GLU A 136 8.14 2.40 -1.69
CA GLU A 136 9.39 2.06 -2.27
C GLU A 136 10.30 3.27 -2.25
N PRO A 137 11.62 3.04 -2.25
CA PRO A 137 12.50 4.20 -2.33
C PRO A 137 12.35 4.87 -3.70
N HIS A 138 12.51 6.16 -3.75
CA HIS A 138 12.29 6.83 -4.99
C HIS A 138 13.52 6.84 -5.84
N ASP A 139 13.79 5.70 -6.47
CA ASP A 139 14.97 5.46 -7.27
C ASP A 139 14.56 4.70 -8.52
N VAL A 140 15.38 4.83 -9.56
CA VAL A 140 15.16 4.08 -10.79
C VAL A 140 15.12 2.58 -10.52
N LEU A 141 14.36 1.86 -11.34
CA LEU A 141 14.32 0.41 -11.21
C LEU A 141 15.63 -0.19 -11.73
N PRO A 142 16.04 -1.33 -11.18
CA PRO A 142 17.19 -2.04 -11.77
C PRO A 142 16.89 -2.39 -13.22
N ASN A 143 17.95 -2.48 -14.02
CA ASN A 143 17.77 -2.76 -15.44
C ASN A 143 16.98 -4.04 -15.63
N GLY A 144 16.05 -4.01 -16.58
CA GLY A 144 15.25 -5.15 -16.94
C GLY A 144 13.96 -5.31 -16.14
N VAL A 145 13.87 -4.69 -14.97
CA VAL A 145 12.69 -4.88 -14.13
C VAL A 145 11.46 -4.22 -14.76
N LEU A 146 11.63 -3.04 -15.37
CA LEU A 146 10.48 -2.35 -15.95
C LEU A 146 9.75 -3.23 -16.96
N ASP A 147 10.51 -3.94 -17.80
CA ASP A 147 9.88 -4.77 -18.83
C ASP A 147 9.06 -5.89 -18.23
N ALA A 148 9.48 -6.39 -17.07
CA ALA A 148 8.82 -7.53 -16.46
C ALA A 148 7.57 -7.16 -15.69
N ILE A 149 7.43 -5.91 -15.24
CA ILE A 149 6.31 -5.51 -14.39
C ILE A 149 5.30 -4.63 -15.12
N SER A 150 5.50 -4.37 -16.40
CA SER A 150 4.66 -3.42 -17.11
C SER A 150 4.21 -4.00 -18.44
N LEU A 151 3.15 -3.44 -18.96
CA LEU A 151 2.64 -3.75 -20.22
C LEU A 151 3.19 -2.73 -21.27
N PRO A 152 3.34 -3.17 -22.55
CA PRO A 152 3.83 -2.21 -23.55
C PRO A 152 3.02 -0.92 -23.61
N ALA A 153 1.69 -1.01 -23.66
CA ALA A 153 0.87 0.19 -23.72
C ALA A 153 1.03 1.03 -22.47
N GLU A 154 1.32 0.38 -21.33
CA GLU A 154 1.60 1.10 -20.10
C GLU A 154 2.86 1.95 -20.24
N ARG A 155 3.98 1.32 -20.61
CA ARG A 155 5.24 2.03 -20.70
C ARG A 155 5.13 3.23 -21.63
N ALA A 156 4.47 3.03 -22.78
CA ALA A 156 4.37 4.11 -23.75
C ALA A 156 3.61 5.31 -23.18
N ASP A 157 2.65 5.07 -22.29
CA ASP A 157 1.78 6.14 -21.82
C ASP A 157 2.32 6.88 -20.61
N MET A 158 3.20 6.26 -19.82
CA MET A 158 3.71 6.94 -18.63
C MET A 158 4.41 8.26 -18.96
N PRO A 159 5.28 8.35 -19.97
CA PRO A 159 5.92 9.64 -20.26
C PRO A 159 4.93 10.73 -20.67
N ARG A 160 3.71 10.37 -21.04
CA ARG A 160 2.69 11.35 -21.35
C ARG A 160 1.96 11.85 -20.12
N THR A 161 1.81 11.02 -19.10
CA THR A 161 1.01 11.36 -17.93
C THR A 161 1.81 11.71 -16.69
N MET A 162 3.11 11.39 -16.65
CA MET A 162 3.85 11.54 -15.40
C MET A 162 5.02 12.50 -15.56
N PRO A 163 5.44 13.14 -14.48
CA PRO A 163 6.59 14.06 -14.57
C PRO A 163 7.85 13.34 -15.01
N ALA A 164 8.54 13.94 -15.98
CA ALA A 164 9.84 13.40 -16.41
C ALA A 164 10.87 13.44 -15.29
N ALA A 165 10.67 14.30 -14.28
CA ALA A 165 11.63 14.44 -13.19
C ALA A 165 11.53 13.30 -12.18
N LEU A 166 10.45 12.52 -12.21
CA LEU A 166 10.24 11.45 -11.26
C LEU A 166 10.57 10.09 -11.86
N HIS A 167 10.92 9.15 -10.99
CA HIS A 167 11.14 7.75 -11.38
C HIS A 167 9.77 7.08 -11.49
N TRP A 168 9.06 7.37 -12.58
CA TRP A 168 7.72 6.81 -12.73
C TRP A 168 7.76 5.30 -12.98
N ASP A 169 8.90 4.75 -13.38
CA ASP A 169 9.03 3.30 -13.45
C ASP A 169 8.89 2.68 -12.07
N ARG A 170 9.42 3.30 -11.03
CA ARG A 170 9.33 2.84 -9.68
C ARG A 170 7.92 3.12 -9.19
N ILE A 171 7.33 4.22 -9.62
CA ILE A 171 5.97 4.53 -9.15
C ILE A 171 4.99 3.52 -9.73
N LEU A 172 5.14 3.16 -11.00
CA LEU A 172 4.28 2.13 -11.59
C LEU A 172 4.40 0.83 -10.81
N PHE A 173 5.62 0.41 -10.53
CA PHE A 173 5.86 -0.80 -9.77
C PHE A 173 5.16 -0.74 -8.41
N CYS A 174 5.26 0.36 -7.74
CA CYS A 174 4.64 0.52 -6.50
C CYS A 174 3.11 0.41 -6.61
N ALA A 175 2.54 0.95 -7.67
CA ALA A 175 1.10 0.90 -7.85
C ALA A 175 0.64 -0.51 -8.20
N LYS A 176 1.44 -1.25 -8.98
CA LYS A 176 1.13 -2.66 -9.21
C LYS A 176 1.04 -3.40 -7.88
N GLU A 177 1.96 -3.11 -6.96
CA GLU A 177 2.00 -3.81 -5.68
C GLU A 177 0.78 -3.46 -4.83
N ALA A 178 0.45 -2.17 -4.73
CA ALA A 178 -0.74 -1.75 -3.99
C ALA A 178 -2.00 -2.35 -4.61
N THR A 179 -2.04 -2.44 -5.94
CA THR A 179 -3.19 -3.03 -6.60
C THR A 179 -3.39 -4.48 -6.17
N TYR A 180 -2.31 -5.26 -6.15
CA TYR A 180 -2.45 -6.66 -5.75
C TYR A 180 -2.91 -6.78 -4.30
N LYS A 181 -2.36 -5.93 -3.42
CA LYS A 181 -2.70 -6.02 -2.00
C LYS A 181 -4.17 -5.69 -1.75
N ALA A 182 -4.75 -4.76 -2.51
CA ALA A 182 -6.17 -4.47 -2.37
C ALA A 182 -7.03 -5.56 -2.99
N TRP A 183 -6.51 -6.20 -4.05
CA TRP A 183 -7.25 -7.17 -4.83
C TRP A 183 -7.36 -8.51 -4.12
N PHE A 184 -6.29 -8.95 -3.48
CA PHE A 184 -6.25 -10.34 -3.07
C PHE A 184 -7.23 -10.68 -1.96
N PRO A 185 -7.39 -9.83 -0.92
CA PRO A 185 -8.35 -10.18 0.13
C PRO A 185 -9.77 -10.35 -0.38
N LEU A 186 -10.11 -9.76 -1.52
CA LEU A 186 -11.46 -9.86 -2.06
C LEU A 186 -11.63 -11.02 -3.03
N THR A 187 -10.55 -11.45 -3.69
CA THR A 187 -10.63 -12.49 -4.70
C THR A 187 -9.94 -13.79 -4.31
N LYS A 188 -8.92 -13.72 -3.46
CA LYS A 188 -8.07 -14.87 -3.14
C LYS A 188 -7.49 -15.50 -4.40
N ARG A 189 -7.21 -14.66 -5.38
CA ARG A 189 -6.58 -15.09 -6.62
C ARG A 189 -5.35 -14.24 -6.90
N TRP A 190 -4.40 -14.80 -7.64
CA TRP A 190 -3.15 -14.11 -7.95
C TRP A 190 -3.32 -13.11 -9.10
N LEU A 191 -2.85 -11.89 -9.01
CA LEU A 191 -2.98 -10.91 -10.06
C LEU A 191 -1.58 -10.62 -10.53
N GLY A 192 -1.26 -11.01 -11.73
CA GLY A 192 0.05 -10.76 -12.25
C GLY A 192 0.27 -9.32 -12.63
N PHE A 193 1.53 -8.99 -12.91
CA PHE A 193 1.87 -7.65 -13.32
C PHE A 193 1.29 -7.30 -14.71
N GLU A 194 1.07 -8.29 -15.55
CA GLU A 194 0.48 -8.13 -16.83
C GLU A 194 -1.08 -8.17 -16.83
N ASP A 195 -1.66 -8.37 -15.65
CA ASP A 195 -3.06 -8.51 -15.48
C ASP A 195 -3.77 -7.24 -15.09
N ALA A 196 -3.06 -6.14 -14.99
CA ALA A 196 -3.70 -4.88 -14.74
C ALA A 196 -2.97 -3.77 -15.52
N HIS A 197 -3.74 -2.88 -16.13
CA HIS A 197 -3.21 -1.80 -16.87
C HIS A 197 -3.46 -0.52 -16.07
N ILE A 198 -2.42 0.10 -15.59
CA ILE A 198 -2.57 1.22 -14.76
C ILE A 198 -2.32 2.55 -15.50
N THR A 199 -3.25 3.46 -15.42
CA THR A 199 -3.10 4.78 -16.02
C THR A 199 -2.97 5.83 -14.92
N PHE A 200 -2.14 6.85 -15.14
CA PHE A 200 -1.88 7.83 -14.18
C PHE A 200 -2.36 9.24 -14.54
N GLU A 201 -2.49 10.05 -13.53
CA GLU A 201 -2.84 11.43 -13.61
C GLU A 201 -1.91 12.19 -12.59
N THR A 202 -1.36 13.34 -12.92
CA THR A 202 -0.53 14.08 -12.02
C THR A 202 -1.17 15.41 -11.57
N ASP A 203 -1.15 15.72 -10.29
CA ASP A 203 -1.64 16.93 -9.76
C ASP A 203 -0.74 18.11 -10.21
N SER A 204 -1.29 19.30 -10.20
CA SER A 204 -0.56 20.46 -10.66
C SER A 204 0.73 20.74 -9.90
N THR A 205 0.81 20.35 -8.64
CA THR A 205 1.95 20.52 -7.82
C THR A 205 3.13 19.54 -8.09
N GLY A 206 2.89 18.53 -8.91
CA GLY A 206 3.91 17.69 -9.44
C GLY A 206 4.47 16.49 -8.74
N TRP A 207 4.12 16.34 -7.49
CA TRP A 207 4.61 15.27 -6.64
C TRP A 207 3.53 14.32 -6.11
N THR A 208 2.29 14.51 -6.49
CA THR A 208 1.23 13.64 -6.09
C THR A 208 0.31 13.47 -7.25
N GLY A 209 -0.54 12.46 -7.24
CA GLY A 209 -1.52 12.24 -8.25
C GLY A 209 -2.41 11.03 -8.05
N ARG A 210 -3.18 10.72 -9.07
CA ARG A 210 -4.06 9.58 -9.06
C ARG A 210 -3.66 8.50 -10.06
N PHE A 211 -4.18 7.31 -9.86
CA PHE A 211 -4.03 6.24 -10.79
C PHE A 211 -5.27 5.39 -10.81
N VAL A 212 -5.47 4.67 -11.89
CA VAL A 212 -6.55 3.74 -11.96
C VAL A 212 -6.04 2.45 -12.58
N SER A 213 -6.29 1.33 -11.92
CA SER A 213 -5.85 0.08 -12.38
C SER A 213 -6.99 -0.66 -13.07
N ARG A 214 -6.88 -0.93 -14.36
CA ARG A 214 -7.89 -1.60 -15.08
C ARG A 214 -7.53 -3.09 -15.10
N ILE A 215 -8.42 -3.92 -14.60
CA ILE A 215 -8.21 -5.31 -14.45
C ILE A 215 -8.44 -6.00 -15.79
N LEU A 216 -7.54 -6.86 -16.22
CA LEU A 216 -7.65 -7.48 -17.49
C LEU A 216 -8.13 -8.91 -17.45
N ILE A 217 -8.31 -9.46 -16.28
CA ILE A 217 -8.75 -10.81 -16.12
C ILE A 217 -10.10 -10.87 -15.35
N ASP A 218 -10.62 -12.04 -15.14
CA ASP A 218 -11.81 -12.25 -14.31
C ASP A 218 -11.67 -11.54 -12.99
N GLY A 219 -12.58 -10.59 -12.72
CA GLY A 219 -12.48 -9.81 -11.50
C GLY A 219 -13.47 -10.19 -10.42
N SER A 220 -14.04 -11.39 -10.53
N SER A 220 -14.07 -11.38 -10.54
CA SER A 220 -15.05 -11.84 -9.60
CA SER A 220 -15.12 -11.77 -9.61
C SER A 220 -14.52 -11.83 -8.17
C SER A 220 -14.57 -11.87 -8.19
N THR A 221 -15.37 -11.40 -7.23
CA THR A 221 -15.00 -11.42 -5.82
C THR A 221 -15.90 -12.38 -5.06
N LEU A 222 -15.38 -12.86 -3.92
CA LEU A 222 -16.10 -13.87 -3.14
C LEU A 222 -17.42 -13.36 -2.58
N SER A 223 -17.58 -12.03 -2.43
CA SER A 223 -18.69 -11.50 -1.66
C SER A 223 -19.35 -10.23 -2.20
N GLY A 224 -18.93 -9.72 -3.36
CA GLY A 224 -19.46 -8.47 -3.85
C GLY A 224 -19.46 -8.35 -5.35
N PRO A 225 -19.58 -7.12 -5.85
CA PRO A 225 -19.52 -6.92 -7.32
C PRO A 225 -18.11 -7.18 -7.83
N PRO A 226 -17.98 -7.59 -9.09
CA PRO A 226 -16.64 -7.85 -9.64
C PRO A 226 -15.79 -6.59 -9.67
N LEU A 227 -14.48 -6.80 -9.59
CA LEU A 227 -13.51 -5.71 -9.65
C LEU A 227 -13.09 -5.50 -11.10
N THR A 228 -13.50 -4.40 -11.69
CA THR A 228 -13.07 -4.04 -13.00
C THR A 228 -11.99 -2.95 -12.98
N THR A 229 -12.09 -2.02 -12.05
CA THR A 229 -11.14 -0.96 -11.89
C THR A 229 -10.92 -0.66 -10.42
N LEU A 230 -9.71 -0.29 -10.06
CA LEU A 230 -9.35 0.07 -8.73
C LEU A 230 -8.66 1.43 -8.81
N ARG A 231 -9.24 2.42 -8.18
CA ARG A 231 -8.68 3.72 -8.22
C ARG A 231 -7.78 3.87 -7.06
N GLY A 232 -6.69 4.66 -7.20
CA GLY A 232 -5.76 4.93 -6.14
C GLY A 232 -5.02 6.26 -6.20
N ARG A 233 -4.07 6.47 -5.30
CA ARG A 233 -3.27 7.69 -5.26
C ARG A 233 -1.80 7.37 -5.07
N TRP A 234 -0.95 8.29 -5.52
CA TRP A 234 0.48 8.13 -5.43
C TRP A 234 1.11 9.43 -4.97
N SER A 235 2.26 9.35 -4.35
CA SER A 235 2.96 10.51 -3.83
CA SER A 235 2.96 10.54 -3.91
C SER A 235 4.44 10.22 -3.76
N VAL A 236 5.25 11.24 -4.02
CA VAL A 236 6.70 11.17 -3.86
C VAL A 236 7.08 12.25 -2.86
N GLU A 237 7.68 11.84 -1.74
CA GLU A 237 7.97 12.75 -0.64
C GLU A 237 9.09 12.13 0.19
N ARG A 238 10.06 12.96 0.55
CA ARG A 238 11.20 12.56 1.38
C ARG A 238 11.87 11.29 0.84
N GLY A 239 12.12 11.28 -0.46
CA GLY A 239 12.83 10.19 -1.09
C GLY A 239 12.07 8.88 -1.13
N LEU A 240 10.78 8.92 -0.87
CA LEU A 240 9.98 7.74 -0.89
C LEU A 240 8.78 7.86 -1.84
N VAL A 241 8.36 6.74 -2.39
CA VAL A 241 7.16 6.68 -3.18
C VAL A 241 6.12 5.93 -2.33
N LEU A 242 4.90 6.44 -2.28
CA LEU A 242 3.84 5.81 -1.61
C LEU A 242 2.65 5.68 -2.59
N THR A 243 1.95 4.56 -2.52
CA THR A 243 0.70 4.36 -3.25
C THR A 243 -0.33 3.77 -2.31
N ALA A 244 -1.60 4.08 -2.56
CA ALA A 244 -2.67 3.61 -1.70
C ALA A 244 -3.94 3.44 -2.51
N ILE A 245 -4.68 2.38 -2.17
CA ILE A 245 -5.97 2.07 -2.76
C ILE A 245 -6.93 1.77 -1.62
N VAL A 246 -8.08 2.45 -1.61
CA VAL A 246 -9.11 2.24 -0.60
C VAL A 246 -10.42 1.98 -1.32
N LEU A 247 -10.92 0.74 -1.21
CA LEU A 247 -12.16 0.36 -1.89
C LEU A 247 -13.35 0.39 -0.93
#